data_9FUH
#
_entry.id   9FUH
#
_cell.length_a   127.842
_cell.length_b   127.842
_cell.length_c   86.337
_cell.angle_alpha   90
_cell.angle_beta   90
_cell.angle_gamma   120
#
_symmetry.space_group_name_H-M   'H 3'
#
loop_
_entity.id
_entity.type
_entity.pdbx_description
1 polymer 'Copper-containing nitrite reductase'
2 non-polymer 'COPPER (II) ION'
3 non-polymer 'HEME C'
4 non-polymer 'SULFATE ION'
5 water water
#
_entity_poly.entity_id   1
_entity_poly.type   'polypeptide(L)'
_entity_poly.pdbx_seq_one_letter_code
;LPGDFGPPRGEPIHAVLTSPPLVPPPVNRTYPAKVIVELEVVEKEMQISEGVSYTFWTFGGTVPGSFIRVRQGDTVEFHL
KNHPSSKMPHNIDLHGVTGPGGGAASSFTAPGHESQFTFKALNEGIYVYHCATAPVGMHIANGMYGLILVEPPEGLPKVD
HEYYVMQGDFYTAGKYREKGLQPFDMEKAIDERPSYVLFNGAEGALTGDKALHAKVGETVRIFVGNGGPNLVSSFHVIGA
IFDQVRYEGGTNVQKNVQTTLIPAGGAAVVKFTARVPGSYVLVDHSIFRAFNKGAMAILKIDGAENKLVYSGKELDSVYL
GDRAAPNMSAVTKATQASVSGTLTVQDQVQAGRALFAGTCSVCHQGNGAGLPGVFPPLAKSDFLAADPKRAMNIVLHGLN
GKIKVNGQEYDSVMPPMTQLNDDEVANILTYVLNSWDNPGGRVSAEDVKKVRAQ
;
_entity_poly.pdbx_strand_id   A
#
loop_
_chem_comp.id
_chem_comp.type
_chem_comp.name
_chem_comp.formula
CU non-polymer 'COPPER (II) ION' 'Cu 2'
HEC non-polymer 'HEME C' 'C34 H34 Fe N4 O4'
SO4 non-polymer 'SULFATE ION' 'O4 S -2'
#
# COMPACT_ATOMS: atom_id res chain seq x y z
N LEU A 1 -5.64 35.89 -16.96
CA LEU A 1 -5.60 34.58 -16.26
C LEU A 1 -4.25 33.90 -16.54
N PRO A 2 -3.73 33.09 -15.59
CA PRO A 2 -2.60 32.18 -15.81
C PRO A 2 -2.91 31.24 -16.97
N GLY A 3 -1.89 30.56 -17.47
CA GLY A 3 -2.16 29.60 -18.54
C GLY A 3 -2.74 30.27 -19.79
N ASP A 4 -2.35 31.51 -20.07
CA ASP A 4 -2.92 32.27 -21.20
C ASP A 4 -2.13 32.03 -22.46
N PHE A 5 -2.29 30.81 -23.03
CA PHE A 5 -1.48 30.43 -24.17
C PHE A 5 -2.30 30.40 -25.46
N GLY A 6 -3.51 30.93 -25.39
CA GLY A 6 -4.31 31.07 -26.58
C GLY A 6 -5.30 29.91 -26.73
N PRO A 7 -6.05 29.92 -27.85
CA PRO A 7 -7.04 28.89 -28.06
C PRO A 7 -6.37 27.56 -28.36
N PRO A 8 -7.08 26.44 -28.16
CA PRO A 8 -6.57 25.14 -28.55
C PRO A 8 -6.29 25.07 -30.05
N ARG A 9 -5.19 24.40 -30.37
CA ARG A 9 -4.74 24.26 -31.73
C ARG A 9 -4.42 22.80 -32.03
N GLY A 10 -4.02 22.51 -33.26
CA GLY A 10 -3.75 21.15 -33.64
C GLY A 10 -5.04 20.35 -33.74
N GLU A 11 -4.94 19.06 -33.45
CA GLU A 11 -6.06 18.16 -33.44
C GLU A 11 -6.51 17.90 -32.02
N PRO A 12 -7.79 17.55 -31.78
CA PRO A 12 -8.16 17.09 -30.45
C PRO A 12 -7.35 15.85 -30.10
N ILE A 13 -6.95 15.75 -28.83
CA ILE A 13 -6.13 14.64 -28.34
C ILE A 13 -6.97 13.81 -27.40
N HIS A 14 -7.02 12.49 -27.65
CA HIS A 14 -7.64 11.58 -26.72
C HIS A 14 -6.58 11.17 -25.72
N ALA A 15 -6.79 11.53 -24.48
CA ALA A 15 -5.79 11.29 -23.48
C ALA A 15 -5.62 9.81 -23.23
N VAL A 16 -4.34 9.51 -23.00
N VAL A 16 -4.39 9.33 -23.11
N VAL A 16 -4.37 9.37 -23.12
CA VAL A 16 -3.77 8.23 -22.62
CA VAL A 16 -4.18 7.93 -22.77
CA VAL A 16 -4.05 8.00 -22.74
C VAL A 16 -3.73 8.16 -21.10
C VAL A 16 -3.69 7.88 -21.32
C VAL A 16 -3.75 8.03 -21.24
N LEU A 17 -4.56 7.32 -20.50
CA LEU A 17 -4.46 7.26 -19.06
C LEU A 17 -3.71 6.00 -18.71
N THR A 18 -3.07 6.00 -17.55
CA THR A 18 -2.34 4.83 -17.10
C THR A 18 -2.82 4.35 -15.74
N SER A 19 -2.61 3.08 -15.47
CA SER A 19 -2.92 2.50 -14.19
C SER A 19 -1.69 2.57 -13.29
N PRO A 20 -1.90 2.73 -11.97
CA PRO A 20 -0.76 2.77 -11.07
C PRO A 20 0.01 1.46 -11.16
N PRO A 21 1.34 1.48 -10.98
CA PRO A 21 2.12 2.66 -10.62
C PRO A 21 2.76 3.39 -11.79
N LEU A 22 2.19 3.22 -12.99
CA LEU A 22 2.74 3.83 -14.18
C LEU A 22 2.09 5.16 -14.48
N VAL A 23 2.80 5.93 -15.30
CA VAL A 23 2.48 7.29 -15.63
C VAL A 23 2.42 7.41 -17.15
N PRO A 24 1.55 8.25 -17.73
CA PRO A 24 1.58 8.46 -19.18
C PRO A 24 2.90 9.11 -19.57
N PRO A 25 3.27 9.03 -20.86
CA PRO A 25 4.48 9.71 -21.31
C PRO A 25 4.33 11.22 -21.17
N PRO A 26 5.46 11.94 -21.08
CA PRO A 26 5.41 13.39 -21.14
C PRO A 26 4.60 13.83 -22.37
N VAL A 27 3.88 14.93 -22.22
CA VAL A 27 3.03 15.38 -23.31
C VAL A 27 3.83 15.82 -24.53
N ASN A 28 5.04 16.36 -24.33
CA ASN A 28 5.96 16.70 -25.41
C ASN A 28 5.25 17.48 -26.51
N ARG A 29 4.80 18.68 -26.14
CA ARG A 29 3.98 19.51 -26.99
C ARG A 29 4.22 20.99 -26.65
N THR A 30 4.21 21.82 -27.67
CA THR A 30 4.53 23.24 -27.54
C THR A 30 3.31 24.13 -27.76
N TYR A 31 2.12 23.53 -27.93
CA TYR A 31 0.91 24.27 -28.22
C TYR A 31 -0.18 23.80 -27.28
N PRO A 32 -1.17 24.64 -26.94
CA PRO A 32 -2.33 24.17 -26.19
C PRO A 32 -3.26 23.36 -27.08
N ALA A 33 -3.87 22.35 -26.48
CA ALA A 33 -4.76 21.45 -27.17
C ALA A 33 -6.07 21.30 -26.43
N LYS A 34 -7.05 20.82 -27.17
CA LYS A 34 -8.25 20.22 -26.60
C LYS A 34 -7.97 18.74 -26.33
N VAL A 35 -8.05 18.38 -25.05
CA VAL A 35 -7.76 17.04 -24.62
C VAL A 35 -9.03 16.42 -24.09
N ILE A 36 -9.40 15.28 -24.67
CA ILE A 36 -10.59 14.54 -24.29
C ILE A 36 -10.16 13.43 -23.33
N VAL A 37 -10.74 13.47 -22.13
CA VAL A 37 -10.43 12.51 -21.08
C VAL A 37 -11.68 11.68 -20.87
N GLU A 38 -11.54 10.36 -20.89
CA GLU A 38 -12.65 9.47 -20.64
C GLU A 38 -12.24 8.58 -19.45
N LEU A 39 -13.05 8.63 -18.37
CA LEU A 39 -12.77 7.87 -17.15
C LEU A 39 -14.04 7.19 -16.73
N GLU A 40 -13.99 5.88 -16.44
CA GLU A 40 -15.15 5.12 -16.08
C GLU A 40 -15.07 4.60 -14.65
N VAL A 41 -16.08 4.90 -13.84
CA VAL A 41 -16.20 4.38 -12.50
C VAL A 41 -16.61 2.91 -12.50
N VAL A 42 -15.89 2.09 -11.74
CA VAL A 42 -16.18 0.69 -11.55
C VAL A 42 -16.13 0.36 -10.06
N GLU A 43 -17.21 -0.23 -9.55
CA GLU A 43 -17.30 -0.75 -8.20
C GLU A 43 -17.00 -2.24 -8.30
N LYS A 44 -16.03 -2.71 -7.50
CA LYS A 44 -15.62 -4.08 -7.58
C LYS A 44 -14.91 -4.55 -6.33
N GLU A 45 -15.06 -5.83 -6.06
CA GLU A 45 -14.29 -6.45 -5.00
C GLU A 45 -12.86 -6.63 -5.46
N MET A 46 -11.93 -6.29 -4.57
CA MET A 46 -10.53 -6.62 -4.78
C MET A 46 -9.94 -7.02 -3.43
N GLN A 47 -8.74 -7.62 -3.45
CA GLN A 47 -8.11 -7.97 -2.19
CA GLN A 47 -8.00 -8.00 -2.26
C GLN A 47 -7.29 -6.78 -1.67
N ILE A 48 -7.70 -6.32 -0.49
CA ILE A 48 -7.01 -5.26 0.22
C ILE A 48 -5.79 -5.82 0.94
N SER A 49 -5.84 -7.11 1.27
CA SER A 49 -4.73 -7.84 1.88
C SER A 49 -4.95 -9.31 1.50
N GLU A 50 -3.99 -10.20 1.78
CA GLU A 50 -4.19 -11.57 1.35
C GLU A 50 -5.39 -12.17 2.08
N GLY A 51 -6.34 -12.73 1.29
CA GLY A 51 -7.52 -13.30 1.87
C GLY A 51 -8.51 -12.32 2.49
N VAL A 52 -8.30 -11.02 2.25
CA VAL A 52 -9.18 -9.98 2.74
C VAL A 52 -9.73 -9.24 1.54
N SER A 53 -11.03 -9.39 1.29
CA SER A 53 -11.70 -8.71 0.19
CA SER A 53 -11.62 -8.67 0.18
CA SER A 53 -11.67 -8.70 0.18
C SER A 53 -12.35 -7.44 0.69
N TYR A 54 -12.53 -6.49 -0.23
CA TYR A 54 -13.16 -5.20 0.07
C TYR A 54 -13.86 -4.73 -1.19
N THR A 55 -15.00 -4.08 -1.05
CA THR A 55 -15.69 -3.52 -2.20
C THR A 55 -15.17 -2.11 -2.42
N PHE A 56 -14.28 -2.00 -3.39
CA PHE A 56 -13.71 -0.73 -3.78
C PHE A 56 -14.63 -0.04 -4.80
N TRP A 57 -14.59 1.28 -4.73
CA TRP A 57 -15.21 2.15 -5.72
C TRP A 57 -14.05 2.86 -6.40
N THR A 58 -13.92 2.69 -7.71
CA THR A 58 -12.71 3.08 -8.42
C THR A 58 -13.00 3.95 -9.63
N PHE A 59 -12.02 4.81 -9.89
CA PHE A 59 -11.91 5.49 -11.16
C PHE A 59 -10.99 4.70 -12.09
N GLY A 60 -11.56 3.93 -13.02
CA GLY A 60 -10.74 3.22 -13.99
C GLY A 60 -10.32 1.83 -13.56
N GLY A 61 -10.89 1.30 -12.45
CA GLY A 61 -10.69 -0.09 -12.04
C GLY A 61 -9.53 -0.27 -11.05
N THR A 62 -8.89 0.80 -10.62
CA THR A 62 -7.74 0.72 -9.77
C THR A 62 -7.86 1.74 -8.63
N VAL A 63 -7.07 1.49 -7.59
CA VAL A 63 -6.89 2.41 -6.47
C VAL A 63 -5.40 2.64 -6.35
N PRO A 64 -4.89 3.86 -6.54
CA PRO A 64 -5.62 5.06 -7.00
C PRO A 64 -6.11 4.87 -8.43
N GLY A 65 -6.95 5.82 -8.85
CA GLY A 65 -7.55 5.79 -10.16
C GLY A 65 -6.55 6.07 -11.27
N SER A 66 -7.01 6.00 -12.51
CA SER A 66 -6.11 6.22 -13.62
C SER A 66 -5.46 7.60 -13.57
N PHE A 67 -4.19 7.65 -13.95
CA PHE A 67 -3.42 8.87 -13.99
C PHE A 67 -3.73 9.65 -15.25
N ILE A 68 -3.98 10.95 -15.08
CA ILE A 68 -4.27 11.86 -16.20
C ILE A 68 -3.14 12.86 -16.34
N ARG A 69 -2.69 13.06 -17.57
CA ARG A 69 -1.56 13.95 -17.83
C ARG A 69 -1.90 14.92 -18.94
N VAL A 70 -1.88 16.22 -18.65
CA VAL A 70 -2.22 17.27 -19.60
C VAL A 70 -1.18 18.39 -19.45
N ARG A 71 -1.31 19.46 -20.25
CA ARG A 71 -0.42 20.60 -20.25
C ARG A 71 -1.15 21.85 -19.76
N GLN A 72 -0.50 22.66 -18.96
CA GLN A 72 -1.07 23.95 -18.57
C GLN A 72 -1.49 24.71 -19.82
N GLY A 73 -2.71 25.24 -19.79
CA GLY A 73 -3.25 25.95 -20.94
C GLY A 73 -4.19 25.10 -21.79
N ASP A 74 -4.20 23.77 -21.58
CA ASP A 74 -5.10 22.90 -22.33
C ASP A 74 -6.55 23.12 -21.94
N THR A 75 -7.44 22.88 -22.92
CA THR A 75 -8.87 22.78 -22.66
C THR A 75 -9.21 21.28 -22.54
N VAL A 76 -9.70 20.89 -21.38
CA VAL A 76 -9.96 19.49 -21.10
C VAL A 76 -11.46 19.27 -21.15
N GLU A 77 -11.89 18.38 -22.05
CA GLU A 77 -13.27 17.92 -22.11
C GLU A 77 -13.34 16.58 -21.40
N PHE A 78 -13.88 16.63 -20.18
CA PHE A 78 -13.85 15.52 -19.26
C PHE A 78 -15.15 14.73 -19.33
N HIS A 79 -15.03 13.45 -19.65
CA HIS A 79 -16.15 12.55 -19.70
C HIS A 79 -16.05 11.54 -18.56
N LEU A 80 -17.05 11.51 -17.67
CA LEU A 80 -17.13 10.54 -16.60
C LEU A 80 -18.28 9.58 -16.94
N LYS A 81 -17.96 8.29 -16.98
CA LYS A 81 -18.93 7.22 -17.14
C LYS A 81 -19.03 6.46 -15.83
N ASN A 82 -20.24 5.96 -15.52
CA ASN A 82 -20.48 5.16 -14.34
C ASN A 82 -20.93 3.79 -14.84
N HIS A 83 -20.16 2.71 -14.58
CA HIS A 83 -20.45 1.41 -15.17
C HIS A 83 -21.84 0.97 -14.73
N PRO A 84 -22.58 0.26 -15.63
CA PRO A 84 -23.93 -0.21 -15.32
C PRO A 84 -24.06 -1.07 -14.06
N SER A 85 -22.97 -1.75 -13.70
CA SER A 85 -22.93 -2.61 -12.54
C SER A 85 -22.90 -1.82 -11.24
N SER A 86 -22.63 -0.51 -11.28
CA SER A 86 -22.55 0.29 -10.08
C SER A 86 -23.91 0.36 -9.35
N LYS A 87 -23.84 0.47 -8.04
CA LYS A 87 -25.02 0.73 -7.21
CA LYS A 87 -24.99 0.73 -7.19
C LYS A 87 -25.14 2.20 -6.82
N MET A 88 -24.02 2.92 -6.77
CA MET A 88 -24.04 4.29 -6.27
CA MET A 88 -24.00 4.28 -6.28
C MET A 88 -23.88 5.24 -7.43
N PRO A 89 -24.39 6.50 -7.25
CA PRO A 89 -24.01 7.57 -8.19
C PRO A 89 -22.61 8.05 -7.82
N HIS A 90 -21.91 8.65 -8.78
CA HIS A 90 -20.57 9.18 -8.54
C HIS A 90 -20.40 10.48 -9.34
N ASN A 91 -19.34 11.22 -9.02
CA ASN A 91 -18.98 12.44 -9.71
C ASN A 91 -17.48 12.65 -9.50
N ILE A 92 -16.97 13.82 -9.88
CA ILE A 92 -15.56 14.10 -9.70
C ILE A 92 -15.34 15.57 -9.35
N ASP A 93 -14.36 15.76 -8.45
CA ASP A 93 -13.76 17.05 -8.11
C ASP A 93 -12.28 16.87 -8.43
N LEU A 94 -11.80 17.57 -9.46
CA LEU A 94 -10.37 17.60 -9.73
C LEU A 94 -9.77 18.84 -9.10
N HIS A 95 -8.81 18.63 -8.17
CA HIS A 95 -8.03 19.78 -7.74
C HIS A 95 -7.31 20.31 -8.97
N GLY A 96 -7.08 21.63 -9.00
CA GLY A 96 -6.50 22.28 -10.16
C GLY A 96 -7.52 22.86 -11.12
N VAL A 97 -8.77 22.40 -11.06
CA VAL A 97 -9.86 22.99 -11.84
C VAL A 97 -10.25 24.32 -11.23
N THR A 98 -10.48 25.30 -12.09
CA THR A 98 -11.02 26.60 -11.70
C THR A 98 -12.51 26.57 -11.95
N GLY A 99 -13.28 26.35 -10.89
CA GLY A 99 -14.72 26.29 -11.02
C GLY A 99 -15.32 25.55 -9.85
N PRO A 100 -16.60 25.83 -9.52
CA PRO A 100 -17.15 25.29 -8.28
C PRO A 100 -17.08 23.76 -8.28
N GLY A 101 -16.68 23.23 -7.13
CA GLY A 101 -16.60 21.81 -6.94
C GLY A 101 -15.56 21.09 -7.78
N GLY A 102 -14.70 21.83 -8.45
CA GLY A 102 -13.73 21.19 -9.29
C GLY A 102 -14.33 20.30 -10.38
N GLY A 103 -15.59 20.57 -10.75
CA GLY A 103 -16.33 19.71 -11.67
C GLY A 103 -17.51 18.98 -11.08
N ALA A 104 -17.67 19.03 -9.77
CA ALA A 104 -18.60 18.12 -9.13
C ALA A 104 -20.04 18.25 -9.59
N ALA A 105 -20.54 19.48 -9.73
CA ALA A 105 -21.96 19.67 -10.00
C ALA A 105 -22.28 19.40 -11.47
N SER A 106 -21.28 19.29 -12.33
CA SER A 106 -21.52 18.94 -13.71
C SER A 106 -21.03 17.54 -14.03
N SER A 107 -20.80 16.70 -13.04
CA SER A 107 -20.35 15.34 -13.32
C SER A 107 -21.15 14.29 -12.55
N PHE A 108 -22.34 14.64 -12.04
CA PHE A 108 -23.17 13.67 -11.34
C PHE A 108 -23.60 12.61 -12.33
N THR A 109 -23.30 11.35 -12.00
CA THR A 109 -23.44 10.28 -12.97
C THR A 109 -24.02 9.07 -12.28
N ALA A 110 -25.27 8.78 -12.60
CA ALA A 110 -25.95 7.61 -12.07
C ALA A 110 -25.38 6.34 -12.72
N PRO A 111 -25.58 5.17 -12.10
CA PRO A 111 -25.18 3.94 -12.75
C PRO A 111 -25.70 3.85 -14.17
N GLY A 112 -24.80 3.48 -15.10
CA GLY A 112 -25.16 3.31 -16.50
C GLY A 112 -25.18 4.61 -17.30
N HIS A 113 -24.86 5.75 -16.69
CA HIS A 113 -24.94 7.06 -17.32
C HIS A 113 -23.52 7.58 -17.60
N GLU A 114 -23.46 8.70 -18.31
CA GLU A 114 -22.25 9.46 -18.61
C GLU A 114 -22.55 10.94 -18.43
N SER A 115 -21.53 11.67 -18.01
CA SER A 115 -21.58 13.11 -17.91
CA SER A 115 -21.60 13.11 -17.97
C SER A 115 -20.33 13.69 -18.56
N GLN A 116 -20.39 14.98 -18.90
CA GLN A 116 -19.20 15.67 -19.35
C GLN A 116 -19.23 17.13 -18.96
N PHE A 117 -18.03 17.66 -18.82
CA PHE A 117 -17.86 19.08 -18.61
C PHE A 117 -16.49 19.46 -19.16
N THR A 118 -16.30 20.76 -19.39
CA THR A 118 -15.06 21.25 -19.96
C THR A 118 -14.44 22.28 -19.01
N PHE A 119 -13.12 22.23 -18.89
CA PHE A 119 -12.39 23.19 -18.09
C PHE A 119 -11.06 23.49 -18.74
N LYS A 120 -10.58 24.70 -18.50
CA LYS A 120 -9.22 25.04 -18.89
C LYS A 120 -8.28 24.76 -17.73
N ALA A 121 -7.12 24.15 -18.03
CA ALA A 121 -6.12 23.86 -17.01
C ALA A 121 -5.22 25.08 -16.84
N LEU A 122 -5.63 25.99 -15.98
CA LEU A 122 -4.91 27.24 -15.83
C LEU A 122 -3.65 27.10 -15.01
N ASN A 123 -3.69 26.09 -14.11
N ASN A 123 -3.62 26.23 -14.02
CA ASN A 123 -2.83 25.85 -12.94
CA ASN A 123 -2.41 26.19 -13.23
C ASN A 123 -1.87 24.69 -13.24
C ASN A 123 -1.83 24.80 -13.32
N GLU A 124 -0.54 24.91 -13.46
CA GLU A 124 0.31 23.73 -13.52
CA GLU A 124 0.41 23.82 -13.47
C GLU A 124 0.42 23.14 -12.12
N GLY A 125 0.76 21.85 -12.07
CA GLY A 125 1.00 21.15 -10.84
C GLY A 125 0.53 19.70 -10.84
N ILE A 126 0.85 19.00 -9.76
CA ILE A 126 0.28 17.68 -9.49
C ILE A 126 -0.90 17.85 -8.53
N TYR A 127 -2.04 17.22 -8.85
CA TYR A 127 -3.26 17.44 -8.09
C TYR A 127 -4.05 16.17 -7.87
N VAL A 128 -4.60 16.06 -6.67
CA VAL A 128 -5.56 14.99 -6.40
C VAL A 128 -6.89 15.26 -7.10
N TYR A 129 -7.49 14.19 -7.61
CA TYR A 129 -8.91 14.20 -7.95
C TYR A 129 -9.60 13.16 -7.10
N HIS A 130 -10.92 13.36 -6.88
CA HIS A 130 -11.63 12.40 -6.06
C HIS A 130 -13.12 12.53 -6.30
N CYS A 131 -13.90 11.56 -5.84
CA CYS A 131 -15.36 11.64 -5.88
C CYS A 131 -15.84 12.71 -4.91
N ALA A 132 -16.97 13.32 -5.27
CA ALA A 132 -17.56 14.45 -4.57
C ALA A 132 -19.06 14.21 -4.38
N THR A 133 -19.42 12.96 -4.08
CA THR A 133 -20.80 12.55 -3.91
C THR A 133 -21.10 12.26 -2.45
N ALA A 134 -22.12 12.91 -1.88
CA ALA A 134 -22.46 12.67 -0.48
C ALA A 134 -22.79 11.21 -0.30
N PRO A 135 -22.33 10.52 0.80
CA PRO A 135 -21.39 11.03 1.80
C PRO A 135 -19.97 10.96 1.22
N VAL A 136 -19.36 12.10 1.06
CA VAL A 136 -18.11 12.20 0.33
C VAL A 136 -17.04 11.33 1.00
N GLY A 137 -16.99 11.34 2.32
CA GLY A 137 -15.96 10.56 2.98
C GLY A 137 -16.05 9.06 2.71
N MET A 138 -17.29 8.55 2.58
CA MET A 138 -17.48 7.14 2.29
C MET A 138 -16.90 6.85 0.89
N HIS A 139 -17.22 7.70 -0.08
CA HIS A 139 -16.75 7.46 -1.43
C HIS A 139 -15.22 7.48 -1.49
N ILE A 140 -14.60 8.47 -0.84
CA ILE A 140 -13.14 8.55 -0.85
C ILE A 140 -12.56 7.34 -0.11
N ALA A 141 -13.10 7.00 1.05
CA ALA A 141 -12.63 5.85 1.81
C ALA A 141 -12.69 4.56 1.00
N ASN A 142 -13.62 4.46 0.07
CA ASN A 142 -13.77 3.26 -0.74
C ASN A 142 -12.83 3.25 -1.95
N GLY A 143 -11.99 4.28 -2.10
CA GLY A 143 -10.94 4.25 -3.10
C GLY A 143 -11.05 5.27 -4.21
N MET A 144 -11.99 6.20 -4.13
CA MET A 144 -12.27 7.08 -5.26
CA MET A 144 -12.30 7.09 -5.26
C MET A 144 -11.39 8.32 -5.28
N TYR A 145 -10.15 8.12 -5.70
CA TYR A 145 -9.18 9.20 -5.80
C TYR A 145 -8.08 8.79 -6.77
N GLY A 146 -7.43 9.82 -7.32
CA GLY A 146 -6.28 9.62 -8.18
C GLY A 146 -5.54 10.93 -8.37
N LEU A 147 -4.64 10.95 -9.36
CA LEU A 147 -3.85 12.14 -9.65
C LEU A 147 -4.06 12.60 -11.09
N ILE A 148 -4.02 13.93 -11.25
CA ILE A 148 -3.88 14.59 -12.54
C ILE A 148 -2.64 15.49 -12.48
N LEU A 149 -1.77 15.33 -13.48
CA LEU A 149 -0.63 16.20 -13.68
C LEU A 149 -0.97 17.20 -14.75
N VAL A 150 -0.74 18.48 -14.43
CA VAL A 150 -0.80 19.57 -15.39
C VAL A 150 0.63 20.07 -15.55
N GLU A 151 1.21 19.73 -16.69
CA GLU A 151 2.61 20.04 -16.90
C GLU A 151 2.81 21.54 -17.12
N PRO A 152 3.99 22.09 -16.75
CA PRO A 152 4.34 23.42 -17.21
C PRO A 152 4.50 23.38 -18.72
N PRO A 153 4.42 24.53 -19.42
CA PRO A 153 4.45 24.53 -20.89
C PRO A 153 5.69 23.90 -21.49
N GLU A 154 6.82 24.02 -20.81
CA GLU A 154 8.07 23.47 -21.31
C GLU A 154 8.29 22.02 -20.93
N GLY A 155 7.40 21.45 -20.12
CA GLY A 155 7.54 20.10 -19.67
C GLY A 155 8.41 20.03 -18.42
N LEU A 156 8.31 18.96 -17.67
CA LEU A 156 9.22 18.71 -16.56
C LEU A 156 10.58 18.25 -17.09
N PRO A 157 11.64 18.43 -16.30
CA PRO A 157 12.94 17.90 -16.69
C PRO A 157 12.88 16.40 -16.90
N LYS A 158 13.66 15.92 -17.88
CA LYS A 158 13.61 14.49 -18.13
CA LYS A 158 13.80 14.51 -18.21
C LYS A 158 14.30 13.73 -17.00
N VAL A 159 13.71 12.56 -16.75
CA VAL A 159 14.22 11.62 -15.77
C VAL A 159 14.19 10.23 -16.36
N ASP A 160 14.85 9.27 -15.68
CA ASP A 160 14.88 7.90 -16.20
C ASP A 160 13.57 7.16 -15.97
N HIS A 161 12.89 7.42 -14.84
CA HIS A 161 11.66 6.71 -14.52
C HIS A 161 10.69 7.69 -13.88
N GLU A 162 9.40 7.49 -14.14
CA GLU A 162 8.32 8.16 -13.45
C GLU A 162 7.33 7.14 -12.92
N TYR A 163 6.98 7.26 -11.63
CA TYR A 163 6.06 6.37 -10.98
C TYR A 163 4.95 7.14 -10.26
N TYR A 164 3.91 6.38 -9.94
CA TYR A 164 2.65 6.89 -9.38
C TYR A 164 2.32 6.11 -8.13
N VAL A 165 2.37 6.79 -6.97
CA VAL A 165 2.20 6.23 -5.65
C VAL A 165 1.19 7.08 -4.89
N MET A 166 0.15 6.47 -4.34
CA MET A 166 -0.84 7.23 -3.61
C MET A 166 -1.27 6.49 -2.35
N GLN A 167 -1.12 7.23 -1.24
CA GLN A 167 -1.48 6.78 0.10
C GLN A 167 -3.00 6.89 0.28
N GLY A 168 -3.55 5.97 1.03
CA GLY A 168 -4.90 6.09 1.53
C GLY A 168 -5.07 5.40 2.86
N ASP A 169 -6.05 5.89 3.63
CA ASP A 169 -6.47 5.29 4.88
C ASP A 169 -7.83 4.57 4.62
N PHE A 170 -7.96 3.36 5.18
CA PHE A 170 -9.09 2.49 4.92
C PHE A 170 -9.65 2.00 6.25
N TYR A 171 -10.97 1.71 6.23
CA TYR A 171 -11.79 1.49 7.40
C TYR A 171 -12.62 0.25 7.16
N THR A 172 -12.18 -0.88 7.71
CA THR A 172 -12.90 -2.14 7.66
C THR A 172 -13.58 -2.41 8.98
N ALA A 173 -14.71 -3.13 8.92
CA ALA A 173 -15.36 -3.54 10.14
C ALA A 173 -14.43 -4.45 10.95
N GLY A 174 -13.80 -5.39 10.27
CA GLY A 174 -12.87 -6.27 10.92
C GLY A 174 -11.53 -5.63 11.20
N LYS A 175 -10.78 -6.30 12.06
CA LYS A 175 -9.44 -5.86 12.37
C LYS A 175 -8.47 -6.10 11.20
N TYR A 176 -7.30 -5.50 11.30
CA TYR A 176 -6.22 -5.72 10.36
C TYR A 176 -5.96 -7.22 10.18
N ARG A 177 -6.00 -7.65 8.90
CA ARG A 177 -5.71 -9.02 8.47
C ARG A 177 -6.78 -10.04 8.87
N GLU A 178 -7.92 -9.57 9.41
N GLU A 178 -7.93 -9.56 9.39
CA GLU A 178 -9.07 -10.46 9.55
CA GLU A 178 -9.07 -10.46 9.57
C GLU A 178 -9.60 -10.80 8.17
C GLU A 178 -9.67 -10.80 8.21
N LYS A 179 -9.74 -12.10 7.90
CA LYS A 179 -10.07 -12.53 6.55
C LYS A 179 -11.57 -12.37 6.27
N GLY A 180 -11.86 -12.41 4.97
CA GLY A 180 -13.21 -12.35 4.46
C GLY A 180 -13.46 -11.04 3.73
N LEU A 181 -14.70 -10.90 3.27
CA LEU A 181 -15.16 -9.66 2.67
C LEU A 181 -15.48 -8.68 3.80
N GLN A 182 -14.71 -7.61 3.87
CA GLN A 182 -14.81 -6.65 4.93
C GLN A 182 -15.64 -5.45 4.52
N PRO A 183 -16.75 -5.17 5.22
CA PRO A 183 -17.48 -3.93 4.98
C PRO A 183 -16.72 -2.69 5.39
N PHE A 184 -17.08 -1.56 4.76
CA PHE A 184 -16.67 -0.25 5.21
C PHE A 184 -17.24 -0.03 6.60
N ASP A 185 -16.45 0.62 7.45
CA ASP A 185 -16.86 0.93 8.83
C ASP A 185 -16.91 2.45 9.03
N MET A 186 -18.14 2.98 9.05
CA MET A 186 -18.34 4.40 9.18
C MET A 186 -17.86 4.94 10.53
N GLU A 187 -18.03 4.14 11.59
CA GLU A 187 -17.62 4.59 12.91
C GLU A 187 -16.12 4.80 12.99
N LYS A 188 -15.35 3.83 12.45
CA LYS A 188 -13.91 4.00 12.45
C LYS A 188 -13.51 5.19 11.60
N ALA A 189 -14.19 5.40 10.46
CA ALA A 189 -13.90 6.48 9.54
C ALA A 189 -14.11 7.85 10.18
N ILE A 190 -15.25 8.03 10.87
CA ILE A 190 -15.53 9.31 11.54
C ILE A 190 -14.48 9.60 12.61
N ASP A 191 -14.06 8.54 13.32
CA ASP A 191 -13.05 8.69 14.36
CA ASP A 191 -13.06 8.65 14.36
C ASP A 191 -11.63 8.76 13.82
N GLU A 192 -11.42 8.63 12.52
CA GLU A 192 -10.10 8.69 11.92
C GLU A 192 -9.21 7.60 12.50
N ARG A 193 -9.76 6.38 12.60
CA ARG A 193 -9.07 5.22 13.16
CA ARG A 193 -9.08 5.23 13.16
C ARG A 193 -8.99 4.11 12.12
N PRO A 194 -8.11 4.24 11.11
CA PRO A 194 -8.09 3.27 10.03
C PRO A 194 -7.55 1.94 10.47
N SER A 195 -8.09 0.89 9.82
CA SER A 195 -7.56 -0.46 10.01
C SER A 195 -6.37 -0.74 9.09
N TYR A 196 -6.32 -0.10 7.92
CA TYR A 196 -5.23 -0.24 6.97
C TYR A 196 -4.83 1.16 6.51
N VAL A 197 -3.53 1.34 6.28
CA VAL A 197 -3.00 2.55 5.66
C VAL A 197 -2.06 2.07 4.57
N LEU A 198 -2.38 2.36 3.32
CA LEU A 198 -1.81 1.65 2.18
C LEU A 198 -1.30 2.59 1.13
N PHE A 199 -0.34 2.07 0.34
CA PHE A 199 -0.03 2.66 -0.94
C PHE A 199 -0.68 1.83 -2.04
N ASN A 200 -1.41 2.50 -2.93
CA ASN A 200 -1.94 1.85 -4.14
C ASN A 200 -2.87 0.71 -3.78
N GLY A 201 -3.70 0.94 -2.76
CA GLY A 201 -4.92 0.16 -2.61
C GLY A 201 -4.81 -1.22 -1.98
N ALA A 202 -3.64 -1.69 -1.59
CA ALA A 202 -3.51 -3.04 -1.06
C ALA A 202 -2.23 -3.15 -0.26
N GLU A 203 -2.23 -4.03 0.75
CA GLU A 203 -0.97 -4.42 1.32
C GLU A 203 -0.11 -5.09 0.25
N GLY A 204 1.16 -4.78 0.23
CA GLY A 204 2.10 -5.37 -0.70
C GLY A 204 1.95 -4.92 -2.14
N ALA A 205 1.16 -3.88 -2.39
CA ALA A 205 0.95 -3.43 -3.75
C ALA A 205 2.26 -3.03 -4.41
N LEU A 206 3.23 -2.55 -3.62
CA LEU A 206 4.48 -2.05 -4.15
C LEU A 206 5.67 -2.67 -3.42
N THR A 207 5.53 -3.91 -2.93
CA THR A 207 6.62 -4.59 -2.25
C THR A 207 6.97 -5.88 -3.01
N GLY A 208 8.14 -6.42 -2.72
CA GLY A 208 8.48 -7.74 -3.25
C GLY A 208 8.55 -7.69 -4.78
N ASP A 209 7.81 -8.62 -5.38
CA ASP A 209 7.76 -8.72 -6.83
C ASP A 209 6.97 -7.61 -7.50
N LYS A 210 6.35 -6.74 -6.70
CA LYS A 210 5.63 -5.57 -7.20
C LYS A 210 6.39 -4.26 -6.92
N ALA A 211 7.64 -4.34 -6.44
CA ALA A 211 8.44 -3.16 -6.20
C ALA A 211 8.63 -2.33 -7.45
N LEU A 212 8.86 -1.03 -7.26
CA LEU A 212 9.35 -0.17 -8.30
C LEU A 212 10.81 -0.43 -8.56
N HIS A 213 11.30 -0.20 -9.77
CA HIS A 213 12.68 -0.52 -10.13
C HIS A 213 13.40 0.68 -10.72
N ALA A 214 14.72 0.72 -10.48
CA ALA A 214 15.64 1.58 -11.18
C ALA A 214 17.06 1.04 -10.95
N LYS A 215 18.03 1.68 -11.59
CA LYS A 215 19.42 1.27 -11.53
C LYS A 215 20.27 2.38 -10.91
N VAL A 216 21.41 1.99 -10.34
CA VAL A 216 22.37 2.93 -9.82
C VAL A 216 22.64 3.97 -10.90
N GLY A 217 22.63 5.23 -10.50
CA GLY A 217 22.92 6.35 -11.39
C GLY A 217 21.67 7.00 -12.01
N GLU A 218 20.56 6.30 -11.96
CA GLU A 218 19.35 6.79 -12.61
C GLU A 218 18.60 7.75 -11.70
N THR A 219 17.78 8.59 -12.34
CA THR A 219 16.86 9.45 -11.64
C THR A 219 15.44 8.92 -11.72
N VAL A 220 14.73 9.05 -10.61
CA VAL A 220 13.36 8.61 -10.49
C VAL A 220 12.50 9.76 -9.96
N ARG A 221 11.43 10.07 -10.67
CA ARG A 221 10.42 10.99 -10.23
CA ARG A 221 10.40 11.00 -10.26
C ARG A 221 9.19 10.21 -9.80
N ILE A 222 8.69 10.53 -8.60
CA ILE A 222 7.48 9.89 -8.11
C ILE A 222 6.45 10.98 -7.87
N PHE A 223 5.29 10.75 -8.49
CA PHE A 223 4.10 11.55 -8.24
C PHE A 223 3.36 10.91 -7.08
N VAL A 224 3.39 11.60 -5.94
CA VAL A 224 2.92 11.06 -4.68
C VAL A 224 1.64 11.76 -4.25
N GLY A 225 0.57 11.01 -4.19
CA GLY A 225 -0.70 11.53 -3.72
C GLY A 225 -0.99 11.05 -2.31
N ASN A 226 -1.87 11.79 -1.62
CA ASN A 226 -2.47 11.37 -0.38
C ASN A 226 -3.97 11.52 -0.50
N GLY A 227 -4.65 10.43 -0.86
CA GLY A 227 -6.09 10.48 -1.03
C GLY A 227 -6.83 10.62 0.29
N GLY A 228 -6.16 10.36 1.39
CA GLY A 228 -6.87 10.34 2.66
C GLY A 228 -7.78 9.12 2.70
N PRO A 229 -9.01 9.27 3.23
CA PRO A 229 -9.67 10.57 3.45
C PRO A 229 -9.11 11.46 4.54
N ASN A 230 -8.57 10.85 5.60
CA ASN A 230 -8.35 11.60 6.84
C ASN A 230 -6.89 11.83 7.23
N LEU A 231 -5.97 10.93 6.90
CA LEU A 231 -4.63 11.01 7.46
C LEU A 231 -3.72 11.96 6.67
N VAL A 232 -2.75 12.50 7.40
CA VAL A 232 -1.64 13.28 6.90
C VAL A 232 -0.39 12.42 6.97
N SER A 233 0.31 12.29 5.85
CA SER A 233 1.43 11.36 5.75
C SER A 233 2.73 12.06 6.15
N SER A 234 3.48 11.45 7.09
CA SER A 234 4.87 11.84 7.35
C SER A 234 5.74 11.09 6.32
N PHE A 235 5.64 11.52 5.05
CA PHE A 235 6.12 10.71 3.94
C PHE A 235 7.65 10.72 3.91
N HIS A 236 8.24 9.53 3.81
CA HIS A 236 9.65 9.39 4.08
C HIS A 236 10.21 8.27 3.20
N VAL A 237 11.48 8.41 2.81
CA VAL A 237 12.23 7.35 2.16
C VAL A 237 13.32 6.85 3.08
N ILE A 238 13.28 5.57 3.42
CA ILE A 238 14.26 4.95 4.29
C ILE A 238 15.55 4.74 3.49
N GLY A 239 16.68 5.21 4.03
CA GLY A 239 17.98 4.94 3.45
C GLY A 239 18.34 5.80 2.27
N ALA A 240 17.60 6.89 2.07
CA ALA A 240 17.86 7.77 0.94
C ALA A 240 17.42 9.19 1.27
N ILE A 241 17.39 10.06 0.28
CA ILE A 241 16.98 11.43 0.46
C ILE A 241 16.24 11.84 -0.81
N PHE A 242 15.35 12.80 -0.72
CA PHE A 242 14.72 13.38 -1.90
C PHE A 242 15.54 14.57 -2.37
N ASP A 243 15.96 14.53 -3.62
CA ASP A 243 16.63 15.65 -4.22
C ASP A 243 15.77 16.90 -4.20
N GLN A 244 14.48 16.71 -4.49
CA GLN A 244 13.49 17.79 -4.59
CA GLN A 244 13.54 17.80 -4.35
C GLN A 244 12.15 17.24 -4.11
N VAL A 245 11.36 18.11 -3.50
CA VAL A 245 9.96 17.91 -3.17
C VAL A 245 9.21 19.18 -3.50
N ARG A 246 8.18 19.03 -4.33
CA ARG A 246 7.38 20.16 -4.77
C ARG A 246 5.92 19.78 -4.59
N TYR A 247 5.17 20.59 -3.86
CA TYR A 247 3.76 20.33 -3.60
C TYR A 247 2.88 20.99 -4.65
N GLU A 248 1.89 20.24 -5.13
CA GLU A 248 0.88 20.71 -6.06
C GLU A 248 1.57 21.50 -7.17
N GLY A 249 1.16 22.76 -7.38
CA GLY A 249 1.80 23.63 -8.36
C GLY A 249 2.55 24.78 -7.69
N GLY A 250 3.02 24.55 -6.46
CA GLY A 250 3.62 25.61 -5.69
C GLY A 250 4.91 26.11 -6.31
N THR A 251 5.21 27.38 -6.08
CA THR A 251 6.46 27.95 -6.54
C THR A 251 7.64 27.43 -5.71
N ASN A 252 7.44 27.16 -4.42
CA ASN A 252 8.51 26.73 -3.55
C ASN A 252 8.88 25.31 -3.87
N VAL A 253 10.18 25.01 -3.91
CA VAL A 253 10.67 23.67 -4.04
C VAL A 253 11.64 23.45 -2.89
N GLN A 254 11.41 22.43 -2.09
CA GLN A 254 12.34 22.00 -1.08
C GLN A 254 13.34 21.01 -1.69
N LYS A 255 14.59 21.14 -1.29
CA LYS A 255 15.62 20.25 -1.78
C LYS A 255 16.32 19.56 -0.60
N ASN A 256 16.72 18.30 -0.79
CA ASN A 256 17.55 17.56 0.15
CA ASN A 256 17.56 17.60 0.15
C ASN A 256 16.84 17.35 1.48
N VAL A 257 15.68 16.71 1.43
CA VAL A 257 14.97 16.31 2.62
C VAL A 257 14.57 14.85 2.50
N GLN A 258 14.44 14.20 3.64
CA GLN A 258 14.08 12.79 3.72
C GLN A 258 12.66 12.55 4.18
N THR A 259 12.07 13.51 4.93
CA THR A 259 10.77 13.35 5.56
C THR A 259 9.95 14.58 5.26
N THR A 260 8.71 14.42 4.75
N THR A 260 8.76 14.37 4.72
CA THR A 260 7.94 15.59 4.33
CA THR A 260 7.92 15.48 4.31
C THR A 260 6.45 15.29 4.51
C THR A 260 6.60 15.28 5.07
N LEU A 261 5.72 16.27 5.00
CA LEU A 261 4.34 16.10 5.41
C LEU A 261 3.41 16.35 4.24
N ILE A 262 2.59 15.37 3.90
CA ILE A 262 1.66 15.52 2.79
C ILE A 262 0.25 15.60 3.36
N PRO A 263 -0.42 16.75 3.19
CA PRO A 263 -1.78 16.92 3.70
C PRO A 263 -2.73 15.87 3.15
N ALA A 264 -3.82 15.63 3.87
CA ALA A 264 -4.93 14.88 3.32
C ALA A 264 -5.43 15.63 2.09
N GLY A 265 -5.54 14.94 0.95
CA GLY A 265 -5.93 15.57 -0.29
C GLY A 265 -4.80 16.24 -1.02
N GLY A 266 -3.57 16.18 -0.47
CA GLY A 266 -2.42 16.79 -1.08
C GLY A 266 -1.70 15.87 -2.05
N ALA A 267 -0.77 16.48 -2.78
CA ALA A 267 0.07 15.74 -3.70
C ALA A 267 1.40 16.45 -3.83
N ALA A 268 2.44 15.68 -4.14
CA ALA A 268 3.77 16.22 -4.33
C ALA A 268 4.48 15.46 -5.43
N VAL A 269 5.46 16.11 -6.02
CA VAL A 269 6.40 15.47 -6.93
C VAL A 269 7.73 15.41 -6.20
N VAL A 270 8.27 14.18 -6.10
CA VAL A 270 9.58 14.00 -5.49
C VAL A 270 10.53 13.44 -6.52
N LYS A 271 11.81 13.74 -6.32
CA LYS A 271 12.86 13.26 -7.20
C LYS A 271 13.92 12.55 -6.35
N PHE A 272 14.39 11.39 -6.83
CA PHE A 272 15.39 10.55 -6.17
C PHE A 272 16.46 10.23 -7.21
N THR A 273 17.70 10.23 -6.77
CA THR A 273 18.84 9.79 -7.55
C THR A 273 19.41 8.51 -6.93
N ALA A 274 19.45 7.42 -7.69
CA ALA A 274 19.94 6.16 -7.15
C ALA A 274 21.45 6.20 -7.01
N ARG A 275 21.94 5.89 -5.81
CA ARG A 275 23.35 5.99 -5.48
CA ARG A 275 23.36 6.01 -5.52
C ARG A 275 24.00 4.63 -5.28
N VAL A 276 23.35 3.77 -4.50
CA VAL A 276 23.85 2.44 -4.16
C VAL A 276 22.68 1.47 -4.24
N PRO A 277 22.95 0.19 -4.53
CA PRO A 277 21.88 -0.76 -4.72
C PRO A 277 21.20 -1.16 -3.43
N GLY A 278 19.98 -1.65 -3.60
CA GLY A 278 19.16 -2.19 -2.54
C GLY A 278 17.74 -1.64 -2.57
N SER A 279 17.02 -1.92 -1.50
CA SER A 279 15.62 -1.59 -1.39
C SER A 279 15.48 -0.32 -0.55
N TYR A 280 14.77 0.65 -1.10
CA TYR A 280 14.49 1.94 -0.47
C TYR A 280 13.00 1.97 -0.20
N VAL A 281 12.65 2.17 1.07
CA VAL A 281 11.27 2.01 1.52
C VAL A 281 10.58 3.37 1.64
N LEU A 282 9.49 3.51 0.92
CA LEU A 282 8.62 4.66 1.08
C LEU A 282 7.64 4.31 2.19
N VAL A 283 7.53 5.18 3.19
CA VAL A 283 6.64 4.94 4.33
C VAL A 283 5.92 6.21 4.70
N ASP A 284 4.78 6.02 5.42
CA ASP A 284 4.29 7.06 6.32
C ASP A 284 5.00 6.82 7.67
N HIS A 285 5.88 7.77 8.06
CA HIS A 285 6.72 7.63 9.25
C HIS A 285 5.97 7.86 10.56
N SER A 286 4.64 8.02 10.50
CA SER A 286 3.83 7.70 11.68
C SER A 286 3.86 6.17 11.72
N ILE A 287 4.83 5.64 12.47
CA ILE A 287 5.41 4.34 12.21
C ILE A 287 4.48 3.17 12.31
N PHE A 288 3.50 3.21 13.21
CA PHE A 288 2.58 2.08 13.28
C PHE A 288 1.78 1.95 11.99
N ARG A 289 1.63 3.04 11.21
CA ARG A 289 0.97 2.90 9.91
C ARG A 289 1.87 2.06 8.99
N ALA A 290 3.15 2.40 8.92
CA ALA A 290 4.08 1.75 8.01
C ALA A 290 4.30 0.30 8.37
N PHE A 291 4.40 0.00 9.66
CA PHE A 291 4.84 -1.32 10.08
C PHE A 291 3.76 -2.18 10.68
N ASN A 292 2.58 -1.61 10.92
CA ASN A 292 1.47 -2.36 11.45
C ASN A 292 0.19 -2.29 10.63
N LYS A 293 0.11 -1.37 9.65
CA LYS A 293 -1.13 -1.20 8.89
C LYS A 293 -0.95 -1.26 7.38
N GLY A 294 0.27 -1.49 6.88
CA GLY A 294 0.50 -1.69 5.46
C GLY A 294 1.16 -0.55 4.68
N ALA A 295 1.61 0.54 5.33
CA ALA A 295 2.01 1.75 4.62
C ALA A 295 3.50 1.70 4.28
N MET A 296 3.85 0.76 3.41
CA MET A 296 5.22 0.59 2.95
C MET A 296 5.20 0.24 1.48
N ALA A 297 6.12 0.83 0.75
CA ALA A 297 6.32 0.61 -0.66
C ALA A 297 7.82 0.57 -0.93
N ILE A 298 8.25 -0.10 -1.99
CA ILE A 298 9.68 -0.31 -2.24
C ILE A 298 10.08 0.21 -3.61
N LEU A 299 11.21 0.93 -3.63
CA LEU A 299 11.98 1.23 -4.83
C LEU A 299 13.27 0.43 -4.74
N LYS A 300 13.38 -0.57 -5.61
CA LYS A 300 14.53 -1.45 -5.59
C LYS A 300 15.52 -1.04 -6.68
N ILE A 301 16.74 -0.79 -6.24
CA ILE A 301 17.83 -0.31 -7.07
C ILE A 301 18.81 -1.44 -7.34
N ASP A 302 19.06 -1.69 -8.62
CA ASP A 302 20.02 -2.69 -9.06
C ASP A 302 21.31 -1.99 -9.46
N GLY A 303 22.45 -2.65 -9.26
CA GLY A 303 23.72 -2.10 -9.70
C GLY A 303 24.86 -2.49 -8.77
N ALA A 304 26.03 -1.88 -8.96
CA ALA A 304 27.22 -2.21 -8.16
C ALA A 304 27.19 -1.56 -6.79
N GLU A 305 27.59 -2.34 -5.78
CA GLU A 305 27.86 -1.77 -4.47
C GLU A 305 28.98 -0.75 -4.56
N ASN A 306 28.93 0.22 -3.64
CA ASN A 306 30.02 1.16 -3.46
C ASN A 306 30.37 1.18 -1.99
N LYS A 307 31.40 0.44 -1.61
CA LYS A 307 31.71 0.27 -0.20
C LYS A 307 32.21 1.54 0.45
N LEU A 308 32.63 2.53 -0.35
CA LEU A 308 33.05 3.83 0.18
C LEU A 308 31.85 4.61 0.69
N VAL A 309 30.67 4.32 0.13
CA VAL A 309 29.44 5.01 0.51
C VAL A 309 28.65 4.22 1.54
N TYR A 310 28.51 2.91 1.33
CA TYR A 310 27.78 2.06 2.26
C TYR A 310 28.33 0.66 2.19
N SER A 311 28.84 0.18 3.34
CA SER A 311 29.42 -1.15 3.42
C SER A 311 28.43 -2.27 3.62
N GLY A 312 27.19 -1.94 3.94
CA GLY A 312 26.25 -2.90 4.48
C GLY A 312 25.39 -3.60 3.45
N LYS A 313 24.44 -4.34 3.99
CA LYS A 313 23.63 -5.31 3.29
C LYS A 313 22.25 -4.77 2.89
N GLU A 314 21.68 -5.45 1.91
CA GLU A 314 20.29 -5.28 1.53
C GLU A 314 19.39 -5.60 2.72
N LEU A 315 18.22 -4.96 2.70
CA LEU A 315 17.19 -5.27 3.68
C LEU A 315 16.72 -6.70 3.64
N ASP A 316 16.23 -7.14 4.82
CA ASP A 316 15.60 -8.44 4.94
C ASP A 316 14.43 -8.31 5.90
N SER A 317 13.93 -9.46 6.33
CA SER A 317 12.72 -9.50 7.13
C SER A 317 12.85 -8.88 8.50
N VAL A 318 14.06 -8.57 9.00
CA VAL A 318 14.12 -7.91 10.30
C VAL A 318 13.42 -6.56 10.24
N TYR A 319 13.62 -5.81 9.13
CA TYR A 319 13.01 -4.50 8.99
C TYR A 319 11.71 -4.61 8.23
N LEU A 320 11.73 -5.30 7.08
CA LEU A 320 10.56 -5.35 6.20
C LEU A 320 9.53 -6.38 6.63
N GLY A 321 9.87 -7.23 7.59
CA GLY A 321 8.93 -8.25 8.03
C GLY A 321 8.56 -9.21 6.91
N ASP A 322 7.28 -9.56 6.90
CA ASP A 322 6.74 -10.51 5.95
C ASP A 322 6.63 -9.96 4.56
N ARG A 323 7.01 -8.71 4.33
CA ARG A 323 7.07 -8.11 3.01
C ARG A 323 8.47 -8.13 2.40
N ALA A 324 9.46 -8.74 3.06
CA ALA A 324 10.75 -8.94 2.41
C ALA A 324 10.66 -9.93 1.24
N ALA A 325 9.82 -10.94 1.37
CA ALA A 325 9.70 -12.00 0.38
C ALA A 325 8.99 -11.45 -0.87
N PRO A 326 9.09 -12.14 -2.01
CA PRO A 326 8.41 -11.69 -3.22
C PRO A 326 6.89 -11.44 -3.08
N ASN A 327 6.21 -12.33 -2.40
CA ASN A 327 4.78 -12.22 -2.20
C ASN A 327 4.38 -13.13 -1.05
N MET A 328 3.11 -13.03 -0.65
CA MET A 328 2.55 -13.90 0.36
CA MET A 328 2.52 -13.87 0.36
C MET A 328 1.32 -14.64 -0.22
N SER A 329 1.45 -15.10 -1.47
CA SER A 329 0.34 -15.77 -2.12
C SER A 329 -0.16 -16.98 -1.35
N ALA A 330 0.69 -17.66 -0.58
CA ALA A 330 0.26 -18.81 0.17
C ALA A 330 -0.85 -18.47 1.15
N VAL A 331 -0.87 -17.22 1.65
CA VAL A 331 -1.91 -16.82 2.58
C VAL A 331 -3.25 -16.73 1.87
N THR A 332 -3.22 -16.13 0.66
CA THR A 332 -4.43 -16.06 -0.15
C THR A 332 -4.97 -17.46 -0.42
N LYS A 333 -4.09 -18.38 -0.81
CA LYS A 333 -4.48 -19.74 -1.12
C LYS A 333 -5.07 -20.46 0.10
N ALA A 334 -4.42 -20.33 1.27
CA ALA A 334 -4.93 -20.98 2.46
C ALA A 334 -6.30 -20.42 2.82
N THR A 335 -6.48 -19.08 2.69
CA THR A 335 -7.75 -18.49 3.04
C THR A 335 -8.87 -19.02 2.14
N GLN A 336 -8.58 -19.10 0.85
CA GLN A 336 -9.53 -19.64 -0.11
CA GLN A 336 -9.55 -19.63 -0.09
C GLN A 336 -9.88 -21.10 0.23
N ALA A 337 -8.85 -21.89 0.56
CA ALA A 337 -9.09 -23.28 0.89
C ALA A 337 -9.95 -23.42 2.16
N SER A 338 -9.77 -22.55 3.14
CA SER A 338 -10.66 -22.53 4.31
C SER A 338 -12.09 -22.28 3.91
N VAL A 339 -12.29 -21.28 3.06
CA VAL A 339 -13.64 -20.97 2.60
C VAL A 339 -14.23 -22.20 1.92
N SER A 340 -13.46 -22.86 1.05
CA SER A 340 -13.90 -24.00 0.26
C SER A 340 -14.08 -25.28 1.10
N GLY A 341 -13.54 -25.30 2.32
CA GLY A 341 -13.58 -26.50 3.16
C GLY A 341 -12.54 -27.54 2.75
N THR A 342 -11.45 -27.11 2.09
CA THR A 342 -10.45 -28.02 1.58
C THR A 342 -9.06 -27.70 2.14
N LEU A 343 -8.98 -26.95 3.23
CA LEU A 343 -7.69 -26.57 3.80
C LEU A 343 -6.84 -27.80 4.21
N THR A 344 -5.69 -27.97 3.58
CA THR A 344 -4.78 -29.07 3.92
C THR A 344 -3.73 -28.57 4.93
N VAL A 345 -3.03 -29.57 5.52
CA VAL A 345 -1.87 -29.24 6.32
C VAL A 345 -0.86 -28.42 5.52
N GLN A 346 -0.55 -28.84 4.30
CA GLN A 346 0.43 -28.12 3.50
C GLN A 346 -0.02 -26.68 3.19
N ASP A 347 -1.32 -26.47 2.94
CA ASP A 347 -1.82 -25.12 2.72
C ASP A 347 -1.44 -24.25 3.94
N GLN A 348 -1.71 -24.80 5.13
CA GLN A 348 -1.40 -24.09 6.35
C GLN A 348 0.11 -23.85 6.51
N VAL A 349 0.90 -24.88 6.26
CA VAL A 349 2.35 -24.78 6.37
C VAL A 349 2.88 -23.63 5.52
N GLN A 350 2.46 -23.57 4.25
CA GLN A 350 2.99 -22.57 3.34
C GLN A 350 2.52 -21.16 3.75
N ALA A 351 1.28 -21.04 4.22
CA ALA A 351 0.83 -19.75 4.71
C ALA A 351 1.61 -19.32 5.94
N GLY A 352 1.80 -20.24 6.88
CA GLY A 352 2.54 -19.97 8.08
C GLY A 352 3.99 -19.61 7.80
N ARG A 353 4.62 -20.25 6.81
CA ARG A 353 5.97 -19.93 6.43
CA ARG A 353 5.98 -19.93 6.41
C ARG A 353 6.07 -18.45 6.03
N ALA A 354 5.10 -17.99 5.24
CA ALA A 354 5.10 -16.61 4.78
C ALA A 354 4.97 -15.66 5.97
N LEU A 355 4.09 -15.98 6.92
CA LEU A 355 3.81 -15.10 8.05
C LEU A 355 4.91 -15.14 9.12
N PHE A 356 5.66 -16.24 9.19
CA PHE A 356 6.70 -16.40 10.19
C PHE A 356 7.83 -15.40 9.98
N ALA A 357 8.06 -15.07 8.72
CA ALA A 357 9.13 -14.17 8.37
C ALA A 357 8.91 -12.80 9.02
N GLY A 358 9.88 -12.38 9.84
N GLY A 358 10.05 -12.28 9.45
CA GLY A 358 9.80 -11.15 10.64
CA GLY A 358 10.13 -10.91 9.89
C GLY A 358 9.06 -11.34 11.97
C GLY A 358 9.15 -10.68 11.03
N THR A 359 7.75 -11.61 11.85
N THR A 359 8.52 -11.74 11.52
CA THR A 359 6.84 -11.80 12.98
CA THR A 359 7.92 -11.66 12.83
C THR A 359 7.43 -12.73 14.07
C THR A 359 8.66 -12.67 13.68
N CYS A 360 8.11 -13.87 13.70
CA CYS A 360 8.76 -14.79 14.62
C CYS A 360 10.27 -14.89 14.37
N SER A 361 10.69 -14.78 13.11
CA SER A 361 12.07 -15.06 12.73
C SER A 361 13.05 -14.08 13.33
N VAL A 362 12.61 -12.85 13.62
CA VAL A 362 13.51 -11.85 14.16
CA VAL A 362 13.52 -11.87 14.18
C VAL A 362 14.25 -12.41 15.40
N CYS A 363 13.54 -13.13 16.26
CA CYS A 363 14.12 -13.70 17.46
C CYS A 363 14.48 -15.17 17.30
N HIS A 364 13.55 -15.97 16.73
CA HIS A 364 13.75 -17.40 16.64
C HIS A 364 14.61 -17.84 15.45
N GLN A 365 14.87 -16.91 14.53
CA GLN A 365 15.68 -17.16 13.33
CA GLN A 365 15.64 -17.11 13.31
C GLN A 365 14.82 -17.78 12.23
N GLY A 366 15.22 -17.58 10.99
CA GLY A 366 14.51 -18.17 9.87
C GLY A 366 14.58 -19.70 9.85
N ASN A 367 15.59 -20.28 10.51
CA ASN A 367 15.69 -21.73 10.65
C ASN A 367 15.23 -22.24 12.01
N GLY A 368 14.61 -21.40 12.82
CA GLY A 368 14.11 -21.80 14.11
C GLY A 368 15.16 -22.14 15.15
N ALA A 369 16.45 -21.85 14.89
CA ALA A 369 17.51 -22.22 15.81
C ALA A 369 17.57 -21.32 17.04
N GLY A 370 16.93 -20.17 17.03
CA GLY A 370 17.13 -19.16 18.05
C GLY A 370 18.61 -18.77 18.14
N LEU A 371 19.01 -18.43 19.38
CA LEU A 371 20.39 -18.13 19.74
CA LEU A 371 20.40 -18.13 19.73
C LEU A 371 20.60 -18.67 21.14
N PRO A 372 21.42 -19.74 21.32
CA PRO A 372 21.50 -20.52 22.56
C PRO A 372 21.56 -19.63 23.80
N GLY A 373 20.65 -19.88 24.76
CA GLY A 373 20.64 -19.09 26.00
C GLY A 373 20.02 -17.69 25.90
N VAL A 374 19.65 -17.22 24.69
CA VAL A 374 19.09 -15.91 24.52
C VAL A 374 17.66 -15.95 23.92
N PHE A 375 17.50 -16.63 22.79
CA PHE A 375 16.21 -16.90 22.19
C PHE A 375 16.10 -18.40 22.01
N PRO A 376 15.09 -19.06 22.59
CA PRO A 376 15.07 -20.51 22.53
C PRO A 376 14.71 -20.98 21.13
N PRO A 377 15.11 -22.21 20.81
CA PRO A 377 14.82 -22.76 19.48
C PRO A 377 13.35 -23.14 19.32
N LEU A 378 12.84 -22.95 18.11
CA LEU A 378 11.63 -23.62 17.66
C LEU A 378 11.96 -24.91 16.90
N ALA A 379 13.19 -25.01 16.38
CA ALA A 379 13.62 -26.21 15.69
C ALA A 379 13.78 -27.34 16.70
N LYS A 380 13.15 -28.46 16.41
CA LYS A 380 13.21 -29.65 17.22
C LYS A 380 13.02 -29.31 18.69
N SER A 381 12.02 -28.48 18.97
CA SER A 381 11.81 -27.97 20.31
C SER A 381 11.02 -28.94 21.17
N ASP A 382 11.67 -29.44 22.23
CA ASP A 382 10.97 -30.30 23.18
C ASP A 382 9.82 -29.58 23.89
N PHE A 383 10.04 -28.32 24.21
CA PHE A 383 9.05 -27.51 24.89
C PHE A 383 7.81 -27.29 24.02
N LEU A 384 8.02 -27.06 22.74
CA LEU A 384 6.89 -26.90 21.80
C LEU A 384 6.12 -28.23 21.71
N ALA A 385 6.85 -29.34 21.47
CA ALA A 385 6.23 -30.64 21.27
C ALA A 385 5.42 -31.08 22.50
N ALA A 386 5.93 -30.73 23.66
CA ALA A 386 5.35 -31.17 24.92
C ALA A 386 3.91 -30.71 25.11
N ASP A 387 3.56 -29.56 24.53
CA ASP A 387 2.25 -28.96 24.79
C ASP A 387 1.85 -27.98 23.69
N PRO A 388 1.30 -28.45 22.55
CA PRO A 388 0.87 -27.51 21.50
C PRO A 388 -0.13 -26.45 21.94
N LYS A 389 -1.03 -26.74 22.89
CA LYS A 389 -1.95 -25.72 23.39
C LYS A 389 -1.23 -24.59 24.13
N ARG A 390 -0.23 -24.95 24.94
CA ARG A 390 0.62 -23.98 25.59
C ARG A 390 1.23 -23.05 24.52
N ALA A 391 1.63 -23.59 23.38
CA ALA A 391 2.23 -22.78 22.34
C ALA A 391 1.24 -21.78 21.75
N MET A 392 -0.05 -22.14 21.64
CA MET A 392 -1.04 -21.18 21.21
CA MET A 392 -1.07 -21.20 21.23
C MET A 392 -1.14 -20.05 22.23
N ASN A 393 -1.13 -20.39 23.53
CA ASN A 393 -1.19 -19.38 24.57
C ASN A 393 0.03 -18.47 24.56
N ILE A 394 1.20 -19.03 24.25
CA ILE A 394 2.41 -18.23 24.18
C ILE A 394 2.32 -17.21 23.07
N VAL A 395 1.87 -17.62 21.89
CA VAL A 395 1.75 -16.64 20.82
C VAL A 395 0.76 -15.55 21.19
N LEU A 396 -0.42 -15.92 21.66
CA LEU A 396 -1.42 -14.93 21.98
C LEU A 396 -1.01 -14.01 23.13
N HIS A 397 -0.47 -14.60 24.19
CA HIS A 397 -0.36 -13.92 25.48
C HIS A 397 1.05 -13.70 25.95
N GLY A 398 2.03 -14.15 25.15
CA GLY A 398 3.43 -13.97 25.51
C GLY A 398 3.91 -15.01 26.50
N LEU A 399 5.19 -14.88 26.86
CA LEU A 399 5.78 -15.82 27.77
C LEU A 399 6.89 -15.07 28.48
N ASN A 400 7.01 -15.29 29.81
CA ASN A 400 8.19 -14.84 30.54
C ASN A 400 8.48 -15.80 31.67
N GLY A 401 9.60 -15.59 32.34
CA GLY A 401 9.99 -16.49 33.39
C GLY A 401 10.99 -17.53 32.91
N LYS A 402 11.57 -18.27 33.85
CA LYS A 402 12.55 -19.27 33.52
C LYS A 402 11.88 -20.48 32.88
N ILE A 403 12.42 -20.89 31.73
CA ILE A 403 12.00 -22.11 31.07
C ILE A 403 13.23 -22.89 30.66
N LYS A 404 13.01 -24.18 30.38
CA LYS A 404 14.04 -25.05 29.86
CA LYS A 404 14.07 -25.02 29.85
C LYS A 404 13.61 -25.53 28.49
N VAL A 405 14.46 -25.32 27.48
CA VAL A 405 14.17 -25.76 26.12
C VAL A 405 15.42 -26.46 25.62
N ASN A 406 15.24 -27.71 25.20
CA ASN A 406 16.33 -28.49 24.66
C ASN A 406 17.56 -28.45 25.56
N GLY A 407 17.30 -28.58 26.85
CA GLY A 407 18.39 -28.72 27.79
C GLY A 407 19.01 -27.42 28.33
N GLN A 408 18.52 -26.25 27.87
N GLN A 408 18.51 -26.28 27.84
CA GLN A 408 19.10 -24.99 28.28
CA GLN A 408 19.06 -24.99 28.24
C GLN A 408 18.05 -24.05 28.89
C GLN A 408 17.95 -24.16 28.92
N GLU A 409 18.45 -23.28 29.90
CA GLU A 409 17.53 -22.36 30.55
C GLU A 409 17.51 -21.04 29.79
N TYR A 410 16.31 -20.49 29.69
CA TYR A 410 16.05 -19.15 29.18
C TYR A 410 15.31 -18.41 30.26
N ASP A 411 15.58 -17.11 30.36
CA ASP A 411 14.90 -16.29 31.33
C ASP A 411 14.71 -14.91 30.74
N SER A 412 13.74 -14.83 29.83
CA SER A 412 13.55 -13.65 29.03
C SER A 412 12.06 -13.43 28.84
N VAL A 413 11.74 -12.58 27.88
CA VAL A 413 10.37 -12.12 27.66
C VAL A 413 10.05 -12.18 26.17
N MET A 414 9.01 -12.95 25.86
CA MET A 414 8.40 -12.96 24.54
C MET A 414 7.13 -12.12 24.62
N PRO A 415 7.06 -10.97 23.95
CA PRO A 415 5.86 -10.17 23.99
C PRO A 415 4.64 -10.90 23.46
N PRO A 416 3.46 -10.53 23.96
CA PRO A 416 2.21 -11.04 23.41
C PRO A 416 2.07 -10.62 21.96
N MET A 417 1.35 -11.43 21.22
CA MET A 417 1.09 -11.19 19.81
C MET A 417 -0.40 -11.31 19.53
N THR A 418 -1.18 -10.62 20.35
CA THR A 418 -2.61 -10.80 20.35
C THR A 418 -3.27 -10.20 19.10
N GLN A 419 -2.61 -9.26 18.42
CA GLN A 419 -3.13 -8.71 17.18
CA GLN A 419 -3.14 -8.72 17.18
C GLN A 419 -3.18 -9.73 16.04
N LEU A 420 -2.45 -10.85 16.11
CA LEU A 420 -2.57 -11.89 15.12
C LEU A 420 -3.99 -12.45 15.16
N ASN A 421 -4.53 -12.74 13.99
CA ASN A 421 -5.86 -13.33 13.90
C ASN A 421 -5.74 -14.86 14.11
N ASP A 422 -6.87 -15.50 14.40
CA ASP A 422 -6.90 -16.93 14.75
C ASP A 422 -6.26 -17.77 13.66
N ASP A 423 -6.56 -17.45 12.39
CA ASP A 423 -6.00 -18.22 11.28
C ASP A 423 -4.49 -18.06 11.20
N GLU A 424 -4.03 -16.83 11.49
CA GLU A 424 -2.61 -16.55 11.44
C GLU A 424 -1.82 -17.34 12.48
N VAL A 425 -2.30 -17.33 13.71
CA VAL A 425 -1.68 -18.13 14.76
C VAL A 425 -1.67 -19.59 14.35
N ALA A 426 -2.84 -20.09 13.90
CA ALA A 426 -2.97 -21.49 13.49
C ALA A 426 -1.96 -21.86 12.42
N ASN A 427 -1.89 -21.03 11.39
CA ASN A 427 -1.03 -21.30 10.24
C ASN A 427 0.43 -21.24 10.64
N ILE A 428 0.83 -20.19 11.39
CA ILE A 428 2.20 -20.11 11.85
C ILE A 428 2.58 -21.34 12.67
N LEU A 429 1.74 -21.74 13.63
CA LEU A 429 2.11 -22.88 14.46
C LEU A 429 2.11 -24.17 13.64
N THR A 430 1.23 -24.31 12.65
CA THR A 430 1.24 -25.50 11.81
C THR A 430 2.52 -25.55 10.99
N TYR A 431 2.96 -24.41 10.47
CA TYR A 431 4.27 -24.32 9.81
C TYR A 431 5.41 -24.81 10.74
N VAL A 432 5.45 -24.27 11.96
CA VAL A 432 6.51 -24.61 12.89
C VAL A 432 6.46 -26.12 13.22
N LEU A 433 5.25 -26.65 13.47
CA LEU A 433 5.11 -28.05 13.83
C LEU A 433 5.56 -28.99 12.71
N ASN A 434 5.49 -28.52 11.46
CA ASN A 434 5.82 -29.33 10.29
C ASN A 434 7.19 -29.03 9.70
N SER A 435 8.01 -28.31 10.47
CA SER A 435 9.38 -27.98 10.10
C SER A 435 10.33 -28.52 11.13
N TRP A 436 11.61 -28.60 10.74
CA TRP A 436 12.70 -28.74 11.70
C TRP A 436 12.54 -29.95 12.64
N ASP A 437 12.05 -31.06 12.14
CA ASP A 437 11.92 -32.30 12.90
C ASP A 437 10.94 -32.18 14.06
N ASN A 438 10.06 -31.19 14.01
CA ASN A 438 8.97 -31.10 14.96
C ASN A 438 7.93 -32.17 14.62
N PRO A 439 6.96 -32.43 15.52
CA PRO A 439 6.13 -33.64 15.41
C PRO A 439 5.01 -33.66 14.39
N GLY A 440 4.85 -32.55 13.66
CA GLY A 440 3.78 -32.47 12.71
C GLY A 440 2.43 -32.21 13.38
N GLY A 441 1.37 -32.60 12.66
CA GLY A 441 0.01 -32.28 13.06
C GLY A 441 -0.33 -30.85 12.67
N ARG A 442 -1.40 -30.33 13.25
CA ARG A 442 -1.84 -29.01 12.85
C ARG A 442 -2.57 -28.35 14.02
N VAL A 443 -2.62 -27.03 13.93
CA VAL A 443 -3.42 -26.18 14.78
C VAL A 443 -4.45 -25.52 13.87
N SER A 444 -5.71 -25.52 14.30
CA SER A 444 -6.77 -24.87 13.53
C SER A 444 -7.11 -23.49 14.07
N ALA A 445 -7.76 -22.69 13.22
CA ALA A 445 -8.25 -21.40 13.64
C ALA A 445 -9.23 -21.57 14.80
N GLU A 446 -10.05 -22.62 14.77
CA GLU A 446 -10.99 -22.88 15.85
C GLU A 446 -10.27 -23.19 17.17
N ASP A 447 -9.15 -23.93 17.08
CA ASP A 447 -8.33 -24.21 18.25
C ASP A 447 -7.90 -22.89 18.91
N VAL A 448 -7.43 -21.97 18.09
CA VAL A 448 -6.91 -20.71 18.59
C VAL A 448 -8.05 -19.85 19.15
N LYS A 449 -9.20 -19.85 18.45
CA LYS A 449 -10.36 -19.13 18.94
C LYS A 449 -10.69 -19.55 20.37
N LYS A 450 -10.64 -20.86 20.65
CA LYS A 450 -10.98 -21.37 21.97
C LYS A 450 -9.98 -20.90 23.03
N VAL A 451 -8.67 -20.95 22.73
CA VAL A 451 -7.65 -20.49 23.64
C VAL A 451 -7.83 -18.99 23.90
N ARG A 452 -8.03 -18.20 22.84
CA ARG A 452 -8.21 -16.76 22.98
C ARG A 452 -9.40 -16.43 23.88
N ALA A 453 -10.47 -17.24 23.83
CA ALA A 453 -11.64 -16.99 24.65
C ALA A 453 -11.46 -17.38 26.12
N GLN A 454 -10.49 -18.26 26.43
CA GLN A 454 -10.35 -18.81 27.77
C GLN A 454 -9.56 -17.79 28.58
CU CU B . -18.37 8.12 -5.72
CU CU C . -10.54 17.60 -2.63
FE HEC D . 8.84 -16.76 20.83
CHA HEC D . 9.46 -18.63 23.64
CHB HEC D . 6.97 -19.28 19.53
CHC HEC D . 7.87 -14.72 18.29
CHD HEC D . 11.08 -14.45 21.86
NA HEC D . 8.33 -18.58 21.45
C1A HEC D . 8.68 -19.21 22.64
C2A HEC D . 8.12 -20.54 22.68
C3A HEC D . 7.39 -20.71 21.53
C4A HEC D . 7.53 -19.50 20.79
CMA HEC D . 6.63 -21.91 21.11
CAA HEC D . 8.32 -21.54 23.81
CBA HEC D . 9.77 -22.03 23.88
CGA HEC D . 10.29 -22.78 22.67
O1A HEC D . 11.40 -22.36 22.17
O2A HEC D . 9.67 -23.74 22.21
NB HEC D . 7.66 -16.98 19.18
C1B HEC D . 7.00 -18.10 18.82
C2B HEC D . 6.32 -17.91 17.58
C3B HEC D . 6.50 -16.57 17.25
C4B HEC D . 7.37 -15.99 18.29
CMB HEC D . 5.53 -18.94 16.84
CAB HEC D . 5.96 -15.79 16.10
CBB HEC D . 4.44 -15.82 16.09
NC HEC D . 9.34 -14.94 20.20
C1C HEC D . 8.86 -14.26 19.16
C2C HEC D . 9.55 -13.02 19.00
C3C HEC D . 10.47 -12.93 20.00
C4C HEC D . 10.35 -14.16 20.74
CMC HEC D . 9.23 -11.98 17.92
CAC HEC D . 11.53 -11.86 20.23
CBC HEC D . 10.98 -10.50 20.48
ND HEC D . 10.00 -16.57 22.41
C1D HEC D . 10.88 -15.54 22.69
C2D HEC D . 11.53 -15.71 23.97
C3D HEC D . 11.04 -16.82 24.50
C4D HEC D . 10.11 -17.41 23.52
CMD HEC D . 12.56 -14.81 24.58
CAD HEC D . 11.33 -17.41 25.83
CBD HEC D . 10.61 -16.67 26.97
CGD HEC D . 11.11 -16.98 28.35
O1D HEC D . 10.26 -17.13 29.31
O2D HEC D . 12.34 -16.99 28.55
HHA HEC D . 9.59 -19.11 24.46
HHB HEC D . 6.50 -20.03 19.12
HHC HEC D . 7.58 -14.11 17.60
HHD HEC D . 11.75 -13.80 22.11
HMA1 HEC D . 5.69 -21.83 21.40
HMA2 HEC D . 7.04 -22.71 21.52
HMA3 HEC D . 6.67 -22.01 20.12
HAA1 HEC D . 7.71 -22.31 23.69
HAA2 HEC D . 8.09 -21.09 24.66
HBA1 HEC D . 9.84 -22.64 24.66
HBA2 HEC D . 10.36 -21.26 24.04
HMB1 HEC D . 5.64 -19.82 17.26
HMB2 HEC D . 5.85 -18.99 15.90
HMB3 HEC D . 4.58 -18.68 16.85
HAB HEC D . 6.29 -14.88 16.14
HBB1 HEC D . 4.12 -16.71 15.84
HBB2 HEC D . 4.09 -15.16 15.47
HBB3 HEC D . 4.11 -15.61 16.99
HMC1 HEC D . 8.53 -12.31 17.31
HMC2 HEC D . 10.06 -11.79 17.41
HMC3 HEC D . 8.92 -11.15 18.36
HAC HEC D . 12.01 -12.11 21.04
HBC1 HEC D . 11.03 -10.30 21.44
HBC2 HEC D . 10.05 -10.45 20.20
HBC3 HEC D . 11.50 -9.84 19.99
HMD1 HEC D . 12.80 -14.07 23.97
HMD2 HEC D . 13.38 -15.34 24.77
HMD3 HEC D . 12.21 -14.45 25.44
HAD1 HEC D . 12.31 -17.35 25.98
HAD2 HEC D . 11.08 -18.37 25.85
HBD1 HEC D . 9.65 -16.91 26.93
HBD2 HEC D . 10.70 -15.70 26.80
S SO4 E . -9.05 6.85 18.98
O1 SO4 E . -9.73 8.06 18.68
O2 SO4 E . -9.91 5.99 19.77
O3 SO4 E . -8.69 6.21 17.74
O4 SO4 E . -7.84 7.17 19.69
#